data_6MV2
#
_entry.id   6MV2
#
_cell.length_a   56.265
_cell.length_b   68.842
_cell.length_c   57.630
_cell.angle_alpha   90.000
_cell.angle_beta   97.430
_cell.angle_gamma   90.000
#
_symmetry.space_group_name_H-M   'P 1 21 1'
#
loop_
_entity.id
_entity.type
_entity.pdbx_description
1 polymer 'Cytochrome b5 reductase 4'
2 non-polymer 'FLAVIN-ADENINE DINUCLEOTIDE'
3 non-polymer 'NADP NICOTINAMIDE-ADENINE-DINUCLEOTIDE PHOSPHATE'
4 water water
#
_entity_poly.entity_id   1
_entity_poly.type   'polypeptide(L)'
_entity_poly.pdbx_seq_one_letter_code
;MGHHHHHHMGPSYPSYDWFQTDSLVTIAIYTKQKDINLDSIIVDHQNDSFRAETIIKDCLYLIHIGLSHEVQEDFSVRVV
ESVGKIEIVLQKKENTSWDFLGHPLKNHNSLIPRKDTGLYYRKCQLISKEDVTHDTRLFCLMLPPSTHLQVPIGQHVYLK
LPITGTEIVKPYTPVSGSLLSEFKEPVLPNNKYIYFLIKIYPTGLFTPELDRLQIGDFVSVSSPEGNFKISKFQELEDLF
LLAAGTGFTPMVKILNYALTDIPSLRKVKLMFFNKTEDDIIWRSQLEKLAFKDKRLDVEFVLSAPISEWNGKQGHISPAL
LSEFLKRNLDKSKVLVCICGPVPFTEQGVRLLHDLNFSKNEIHSFTA
;
_entity_poly.pdbx_strand_id   A
#
# COMPACT_ATOMS: atom_id res chain seq x y z
N SER A 12 -3.13 -9.77 -29.15
CA SER A 12 -2.82 -8.35 -29.02
C SER A 12 -1.95 -8.04 -27.79
N TYR A 13 -0.64 -7.96 -28.01
CA TYR A 13 0.28 -7.90 -26.89
C TYR A 13 0.81 -6.49 -26.68
N PRO A 14 1.31 -6.18 -25.49
CA PRO A 14 1.95 -4.88 -25.26
C PRO A 14 3.21 -4.75 -26.10
N SER A 15 3.63 -3.49 -26.29
CA SER A 15 4.83 -3.18 -27.08
C SER A 15 5.38 -1.84 -26.59
N TYR A 16 6.49 -1.39 -27.20
CA TYR A 16 7.11 -0.13 -26.82
C TYR A 16 7.88 0.45 -28.02
N ASP A 17 8.23 1.73 -27.90
CA ASP A 17 9.11 2.43 -28.85
C ASP A 17 9.85 3.50 -28.06
N TRP A 18 10.58 4.37 -28.76
CA TRP A 18 11.30 5.48 -28.15
C TRP A 18 11.55 6.56 -29.19
N PHE A 19 11.73 7.78 -28.71
CA PHE A 19 12.25 8.87 -29.54
C PHE A 19 13.04 9.84 -28.68
N GLN A 20 13.82 10.68 -29.36
CA GLN A 20 14.68 11.66 -28.71
C GLN A 20 14.53 13.03 -29.35
N THR A 21 14.76 14.06 -28.54
CA THR A 21 15.00 15.43 -28.99
C THR A 21 16.45 15.78 -28.67
N ASP A 22 16.78 17.08 -28.72
CA ASP A 22 18.16 17.45 -28.42
C ASP A 22 18.51 17.15 -26.97
N SER A 23 17.54 17.27 -26.06
CA SER A 23 17.79 17.14 -24.64
C SER A 23 17.00 16.03 -23.94
N LEU A 24 15.99 15.44 -24.59
CA LEU A 24 15.11 14.47 -23.94
C LEU A 24 15.14 13.12 -24.65
N VAL A 25 14.94 12.06 -23.89
CA VAL A 25 14.66 10.73 -24.41
C VAL A 25 13.32 10.28 -23.84
N THR A 26 12.40 9.96 -24.74
CA THR A 26 11.08 9.49 -24.34
C THR A 26 10.93 8.03 -24.71
N ILE A 27 10.45 7.26 -23.75
CA ILE A 27 10.13 5.86 -23.96
C ILE A 27 8.61 5.75 -23.90
N ALA A 28 8.03 5.11 -24.89
CA ALA A 28 6.59 5.01 -25.01
C ALA A 28 6.22 3.54 -24.86
N ILE A 29 5.31 3.24 -23.96
CA ILE A 29 4.85 1.88 -23.68
C ILE A 29 3.37 1.79 -24.08
N TYR A 30 3.08 0.86 -24.98
CA TYR A 30 1.73 0.67 -25.55
C TYR A 30 1.16 -0.58 -24.90
N THR A 31 0.36 -0.39 -23.85
CA THR A 31 -0.19 -1.53 -23.12
C THR A 31 -1.33 -2.20 -23.86
N LYS A 32 -2.00 -1.49 -24.76
CA LYS A 32 -3.22 -1.97 -25.43
C LYS A 32 -4.38 -2.15 -24.46
N GLN A 33 -4.30 -1.54 -23.27
CA GLN A 33 -5.27 -1.80 -22.22
C GLN A 33 -6.03 -0.53 -21.87
N LYS A 34 -7.34 -0.68 -21.66
CA LYS A 34 -8.07 0.30 -20.88
C LYS A 34 -7.75 0.09 -19.40
N ASP A 35 -8.04 1.11 -18.60
CA ASP A 35 -7.87 1.05 -17.15
C ASP A 35 -6.44 1.30 -16.70
N ILE A 36 -5.52 1.70 -17.58
CA ILE A 36 -4.14 1.93 -17.16
C ILE A 36 -4.03 3.29 -16.49
N ASN A 37 -3.33 3.35 -15.37
CA ASN A 37 -3.08 4.63 -14.71
C ASN A 37 -1.67 4.59 -14.12
N LEU A 38 -1.32 5.63 -13.36
CA LEU A 38 0.05 5.73 -12.84
C LEU A 38 0.35 4.70 -11.78
N ASP A 39 -0.67 4.01 -11.28
CA ASP A 39 -0.44 2.86 -10.39
C ASP A 39 -0.11 1.61 -11.16
N SER A 40 -0.32 1.59 -12.47
CA SER A 40 -0.03 0.40 -13.27
C SER A 40 1.45 0.24 -13.57
N ILE A 41 2.27 1.26 -13.35
CA ILE A 41 3.65 1.23 -13.79
C ILE A 41 4.57 1.64 -12.65
N ILE A 42 5.67 0.91 -12.52
CA ILE A 42 6.77 1.23 -11.61
C ILE A 42 8.02 1.45 -12.46
N VAL A 43 8.70 2.58 -12.25
CA VAL A 43 9.91 2.91 -12.99
C VAL A 43 11.08 3.05 -12.00
N ASP A 44 12.19 2.42 -12.32
CA ASP A 44 13.45 2.59 -11.59
C ASP A 44 14.54 2.88 -12.62
N HIS A 45 15.44 3.78 -12.31
CA HIS A 45 16.58 3.96 -13.20
C HIS A 45 17.80 4.43 -12.43
N GLN A 46 18.97 4.04 -12.95
CA GLN A 46 20.26 4.59 -12.58
C GLN A 46 20.71 5.58 -13.65
N ASN A 47 21.93 6.12 -13.48
CA ASN A 47 22.44 7.04 -14.48
C ASN A 47 22.42 6.42 -15.87
N ASP A 48 22.56 5.08 -15.96
CA ASP A 48 22.79 4.39 -17.22
C ASP A 48 21.91 3.15 -17.44
N SER A 49 20.86 2.96 -16.63
CA SER A 49 20.08 1.73 -16.67
C SER A 49 18.64 2.04 -16.28
N PHE A 50 17.69 1.36 -16.92
CA PHE A 50 16.29 1.79 -16.90
C PHE A 50 15.39 0.56 -16.81
N ARG A 51 14.46 0.57 -15.87
CA ARG A 51 13.55 -0.56 -15.66
C ARG A 51 12.14 -0.02 -15.46
N ALA A 52 11.22 -0.45 -16.31
CA ALA A 52 9.81 -0.11 -16.15
C ALA A 52 9.00 -1.39 -16.20
N GLU A 53 8.27 -1.68 -15.11
CA GLU A 53 7.36 -2.82 -15.06
C GLU A 53 5.93 -2.31 -15.06
N THR A 54 5.11 -2.87 -15.94
CA THR A 54 3.75 -2.41 -16.12
C THR A 54 2.80 -3.57 -15.83
N ILE A 55 1.79 -3.31 -15.00
CA ILE A 55 0.80 -4.31 -14.63
C ILE A 55 -0.22 -4.39 -15.75
N ILE A 56 -0.35 -5.55 -16.36
CA ILE A 56 -1.28 -5.76 -17.48
C ILE A 56 -2.10 -7.00 -17.18
N LYS A 57 -3.30 -6.80 -16.60
CA LYS A 57 -4.19 -7.87 -16.14
C LYS A 57 -3.44 -8.66 -15.07
N ASP A 58 -3.25 -9.96 -15.23
CA ASP A 58 -2.48 -10.75 -14.27
C ASP A 58 -1.03 -10.89 -14.66
N CYS A 59 -0.62 -10.31 -15.78
CA CYS A 59 0.74 -10.39 -16.27
C CYS A 59 1.52 -9.12 -15.96
N LEU A 60 2.84 -9.23 -16.11
CA LEU A 60 3.78 -8.15 -15.89
C LEU A 60 4.60 -7.97 -17.16
N TYR A 61 4.56 -6.77 -17.73
CA TYR A 61 5.32 -6.43 -18.93
C TYR A 61 6.54 -5.61 -18.51
N LEU A 62 7.73 -6.12 -18.81
CA LEU A 62 8.97 -5.52 -18.34
C LEU A 62 9.74 -4.89 -19.50
N ILE A 63 10.14 -3.63 -19.32
CA ILE A 63 11.16 -2.97 -20.13
C ILE A 63 12.38 -2.82 -19.24
N HIS A 64 13.53 -3.30 -19.72
CA HIS A 64 14.75 -3.31 -18.92
C HIS A 64 15.93 -3.07 -19.86
N ILE A 65 16.49 -1.85 -19.83
CA ILE A 65 17.48 -1.44 -20.81
C ILE A 65 18.64 -0.70 -20.13
N GLY A 66 19.86 -0.97 -20.58
CA GLY A 66 20.99 -0.13 -20.23
C GLY A 66 21.20 1.01 -21.22
N LEU A 67 21.00 2.24 -20.77
CA LEU A 67 20.89 3.38 -21.67
C LEU A 67 22.23 3.70 -22.33
N SER A 68 22.15 4.21 -23.57
CA SER A 68 23.34 4.50 -24.36
C SER A 68 24.16 5.63 -23.77
N HIS A 69 23.49 6.61 -23.17
CA HIS A 69 24.18 7.67 -22.49
C HIS A 69 23.44 7.93 -21.19
N GLU A 70 24.02 8.82 -20.39
CA GLU A 70 23.52 9.07 -19.06
C GLU A 70 22.39 10.06 -19.12
N VAL A 71 21.54 9.98 -18.12
CA VAL A 71 20.37 10.83 -18.02
C VAL A 71 20.34 11.36 -16.60
N GLN A 72 19.55 12.40 -16.39
CA GLN A 72 19.47 13.04 -15.09
C GLN A 72 18.52 12.25 -14.18
N GLU A 73 18.54 12.61 -12.90
CA GLU A 73 17.74 11.86 -11.93
C GLU A 73 16.25 12.07 -12.16
N ASP A 74 15.82 13.32 -12.32
CA ASP A 74 14.40 13.59 -12.44
C ASP A 74 13.91 13.15 -13.82
N PHE A 75 12.74 12.51 -13.85
CA PHE A 75 12.09 12.15 -15.09
C PHE A 75 10.61 12.31 -14.88
N SER A 76 9.82 12.16 -15.95
CA SER A 76 8.38 12.27 -15.84
C SER A 76 7.72 11.02 -16.39
N VAL A 77 6.52 10.74 -15.90
CA VAL A 77 5.74 9.59 -16.37
C VAL A 77 4.33 10.08 -16.56
N ARG A 78 3.74 9.76 -17.72
CA ARG A 78 2.41 10.23 -18.08
C ARG A 78 1.67 9.09 -18.74
N VAL A 79 0.36 9.01 -18.49
CA VAL A 79 -0.49 7.98 -19.05
C VAL A 79 -1.57 8.63 -19.90
N VAL A 80 -1.74 8.12 -21.12
CA VAL A 80 -2.90 8.43 -21.95
C VAL A 80 -3.91 7.31 -21.69
N GLU A 81 -4.92 7.60 -20.85
CA GLU A 81 -5.76 6.54 -20.30
C GLU A 81 -6.70 5.93 -21.35
N SER A 82 -7.10 6.70 -22.37
CA SER A 82 -7.98 6.16 -23.39
C SER A 82 -7.39 4.89 -24.02
N VAL A 83 -6.09 4.91 -24.34
CA VAL A 83 -5.45 3.79 -25.04
C VAL A 83 -4.39 3.09 -24.21
N GLY A 84 -4.19 3.48 -22.95
CA GLY A 84 -3.14 2.85 -22.16
C GLY A 84 -1.76 3.04 -22.72
N LYS A 85 -1.47 4.22 -23.27
CA LYS A 85 -0.11 4.55 -23.65
C LYS A 85 0.57 5.21 -22.46
N ILE A 86 1.78 4.78 -22.15
CA ILE A 86 2.54 5.41 -21.09
C ILE A 86 3.80 6.00 -21.70
N GLU A 87 4.12 7.24 -21.35
CA GLU A 87 5.38 7.85 -21.78
C GLU A 87 6.25 8.18 -20.59
N ILE A 88 7.50 7.70 -20.64
CA ILE A 88 8.54 7.99 -19.66
C ILE A 88 9.53 8.94 -20.33
N VAL A 89 9.63 10.16 -19.83
CA VAL A 89 10.51 11.17 -20.42
C VAL A 89 11.74 11.30 -19.53
N LEU A 90 12.90 10.93 -20.07
CA LEU A 90 14.20 11.10 -19.44
C LEU A 90 14.89 12.37 -19.96
N GLN A 91 15.80 12.89 -19.14
CA GLN A 91 16.58 14.08 -19.47
C GLN A 91 18.02 13.68 -19.73
N LYS A 92 18.51 13.99 -20.94
CA LYS A 92 19.90 13.75 -21.27
C LYS A 92 20.81 14.59 -20.38
N LYS A 93 21.89 13.99 -19.92
CA LYS A 93 22.91 14.78 -19.24
C LYS A 93 23.59 15.72 -20.22
N GLU A 94 23.86 15.23 -21.44
CA GLU A 94 24.51 16.01 -22.48
C GLU A 94 23.61 16.06 -23.71
N ASN A 95 23.35 17.27 -24.23
CA ASN A 95 22.44 17.45 -25.36
C ASN A 95 23.15 17.03 -26.64
N THR A 96 23.19 15.72 -26.85
CA THR A 96 23.75 15.08 -28.02
C THR A 96 22.86 13.93 -28.45
N SER A 97 23.00 13.53 -29.72
CA SER A 97 22.14 12.52 -30.31
C SER A 97 22.58 11.10 -29.92
N TRP A 98 21.60 10.23 -29.67
CA TRP A 98 21.85 8.84 -29.34
C TRP A 98 21.78 7.99 -30.60
N ASP A 99 22.67 7.00 -30.70
CA ASP A 99 22.71 6.10 -31.84
C ASP A 99 21.69 4.98 -31.76
N PHE A 100 21.37 4.56 -30.54
CA PHE A 100 20.31 3.61 -30.27
C PHE A 100 19.93 3.80 -28.82
N LEU A 101 18.85 3.14 -28.40
CA LEU A 101 18.33 3.39 -27.06
C LEU A 101 19.29 2.84 -26.03
N GLY A 102 19.75 1.62 -26.24
CA GLY A 102 20.64 0.95 -25.32
C GLY A 102 20.57 -0.54 -25.53
N HIS A 103 21.32 -1.24 -24.71
CA HIS A 103 21.39 -2.69 -24.76
C HIS A 103 20.32 -3.29 -23.87
N PRO A 104 19.41 -4.09 -24.40
CA PRO A 104 18.46 -4.79 -23.53
C PRO A 104 19.19 -5.54 -22.41
N LEU A 105 18.53 -5.64 -21.27
CA LEU A 105 19.02 -6.38 -20.13
C LEU A 105 18.07 -7.52 -19.80
N LYS A 106 18.29 -8.13 -18.64
CA LYS A 106 17.56 -9.34 -18.25
C LYS A 106 16.06 -9.14 -18.36
N ASN A 107 15.40 -10.04 -19.08
CA ASN A 107 13.94 -10.09 -19.21
C ASN A 107 13.36 -8.87 -19.93
N HIS A 108 14.17 -8.19 -20.76
CA HIS A 108 13.65 -7.04 -21.50
C HIS A 108 12.53 -7.47 -22.45
N ASN A 109 11.50 -6.64 -22.52
CA ASN A 109 10.36 -6.90 -23.39
C ASN A 109 9.73 -8.27 -23.12
N SER A 110 9.65 -8.63 -21.84
CA SER A 110 9.04 -9.89 -21.43
C SER A 110 7.64 -9.64 -20.87
N LEU A 111 6.74 -10.58 -21.15
CA LEU A 111 5.38 -10.54 -20.63
C LEU A 111 5.17 -11.84 -19.86
N ILE A 112 5.10 -11.73 -18.54
CA ILE A 112 5.13 -12.91 -17.65
C ILE A 112 4.04 -12.81 -16.59
N PRO A 113 3.33 -13.90 -16.28
CA PRO A 113 2.33 -13.86 -15.21
C PRO A 113 2.94 -13.36 -13.90
N ARG A 114 2.15 -12.56 -13.18
CA ARG A 114 2.65 -11.93 -11.97
C ARG A 114 3.06 -12.98 -10.94
N LYS A 115 2.26 -14.04 -10.81
CA LYS A 115 2.57 -15.14 -9.89
C LYS A 115 3.99 -15.64 -10.07
N ASP A 116 4.51 -15.61 -11.30
CA ASP A 116 5.82 -16.19 -11.62
C ASP A 116 6.95 -15.16 -11.63
N THR A 117 6.73 -13.96 -11.10
CA THR A 117 7.74 -12.91 -11.10
C THR A 117 8.36 -12.77 -9.72
N GLY A 118 9.63 -12.37 -9.68
CA GLY A 118 10.30 -12.11 -8.44
C GLY A 118 10.22 -10.65 -8.00
N LEU A 119 10.40 -10.45 -6.69
CA LEU A 119 10.39 -9.13 -6.09
C LEU A 119 11.56 -8.27 -6.54
N TYR A 120 11.28 -7.05 -7.00
CA TYR A 120 12.32 -6.09 -7.33
C TYR A 120 12.39 -5.01 -6.25
N TYR A 121 13.61 -4.66 -5.86
CA TYR A 121 13.84 -3.71 -4.78
C TYR A 121 14.59 -2.45 -5.26
N ARG A 122 14.37 -1.35 -4.54
CA ARG A 122 15.19 -0.16 -4.63
C ARG A 122 15.36 0.42 -3.22
N LYS A 123 16.43 1.19 -3.05
CA LYS A 123 16.76 1.78 -1.75
C LYS A 123 15.99 3.08 -1.54
N CYS A 124 15.31 3.15 -0.41
CA CYS A 124 14.61 4.33 0.05
C CYS A 124 15.25 4.84 1.34
N GLN A 125 15.11 6.13 1.58
CA GLN A 125 15.79 6.76 2.71
C GLN A 125 14.83 6.95 3.86
N LEU A 126 15.28 6.65 5.06
CA LEU A 126 14.49 6.90 6.25
C LEU A 126 14.53 8.39 6.57
N ILE A 127 13.38 9.02 6.62
CA ILE A 127 13.27 10.47 6.77
C ILE A 127 12.86 10.87 8.18
N SER A 128 11.96 10.11 8.78
CA SER A 128 11.47 10.42 10.11
C SER A 128 10.96 9.15 10.75
N LYS A 129 10.88 9.20 12.07
CA LYS A 129 10.35 8.11 12.88
C LYS A 129 9.72 8.74 14.11
N GLU A 130 8.48 8.39 14.39
CA GLU A 130 7.72 8.99 15.49
C GLU A 130 7.08 7.88 16.30
N ASP A 131 7.12 8.02 17.62
CA ASP A 131 6.42 7.09 18.49
C ASP A 131 4.90 7.32 18.38
N VAL A 132 4.18 6.23 18.25
CA VAL A 132 2.73 6.25 18.14
C VAL A 132 2.11 5.62 19.38
N THR A 133 2.60 4.45 19.76
CA THR A 133 2.37 3.85 21.07
C THR A 133 3.73 3.48 21.62
N HIS A 134 3.75 2.76 22.74
CA HIS A 134 5.02 2.44 23.39
C HIS A 134 5.89 1.54 22.53
N ASP A 135 5.29 0.65 21.72
CA ASP A 135 6.09 -0.23 20.87
C ASP A 135 5.84 -0.04 19.38
N THR A 136 5.07 0.96 18.97
CA THR A 136 4.73 1.16 17.57
C THR A 136 5.19 2.53 17.11
N ARG A 137 5.89 2.57 15.98
CA ARG A 137 6.37 3.82 15.40
C ARG A 137 5.67 4.10 14.07
N LEU A 138 5.58 5.39 13.72
CA LEU A 138 5.32 5.83 12.36
C LEU A 138 6.67 6.09 11.68
N PHE A 139 6.99 5.28 10.66
CA PHE A 139 8.17 5.45 9.83
C PHE A 139 7.78 6.18 8.55
N CYS A 140 8.66 7.07 8.08
CA CYS A 140 8.47 7.73 6.79
C CYS A 140 9.70 7.48 5.94
N LEU A 141 9.50 6.80 4.82
CA LEU A 141 10.55 6.54 3.84
C LEU A 141 10.29 7.37 2.59
N MET A 142 11.39 7.77 1.96
CA MET A 142 11.32 8.58 0.74
C MET A 142 11.93 7.79 -0.41
N LEU A 143 11.15 7.63 -1.46
CA LEU A 143 11.62 7.03 -2.69
C LEU A 143 12.73 7.90 -3.28
N PRO A 144 13.66 7.30 -4.02
CA PRO A 144 14.68 8.10 -4.70
C PRO A 144 14.09 8.91 -5.83
N PRO A 145 14.71 10.04 -6.19
CA PRO A 145 14.17 10.83 -7.31
C PRO A 145 14.10 10.04 -8.60
N SER A 146 14.89 8.99 -8.75
CA SER A 146 14.90 8.22 -9.99
C SER A 146 13.93 7.05 -9.96
N THR A 147 12.95 7.03 -9.06
CA THR A 147 11.95 5.98 -9.00
C THR A 147 10.55 6.56 -9.04
N HIS A 148 9.68 5.93 -9.82
CA HIS A 148 8.24 6.16 -9.76
C HIS A 148 7.58 4.90 -9.20
N LEU A 149 6.87 5.04 -8.10
CA LEU A 149 6.26 3.86 -7.45
C LEU A 149 5.10 4.33 -6.58
N GLN A 150 3.93 3.78 -6.81
CA GLN A 150 2.74 4.09 -6.01
C GLN A 150 2.25 2.76 -5.44
N VAL A 151 1.93 2.75 -4.15
CA VAL A 151 1.46 1.53 -3.50
C VAL A 151 -0.06 1.60 -3.44
N PRO A 152 -0.79 0.75 -4.17
CA PRO A 152 -2.26 0.85 -4.15
C PRO A 152 -2.84 0.50 -2.78
N ILE A 153 -4.09 0.95 -2.59
CA ILE A 153 -4.83 0.65 -1.38
C ILE A 153 -4.88 -0.86 -1.17
N GLY A 154 -4.60 -1.29 0.07
CA GLY A 154 -4.72 -2.69 0.42
C GLY A 154 -3.50 -3.53 0.15
N GLN A 155 -2.45 -2.98 -0.45
CA GLN A 155 -1.29 -3.78 -0.79
C GLN A 155 -0.14 -3.48 0.18
N HIS A 156 0.82 -4.39 0.21
CA HIS A 156 2.00 -4.27 1.06
C HIS A 156 3.26 -4.26 0.19
N VAL A 157 4.38 -3.93 0.81
CA VAL A 157 5.70 -4.05 0.22
C VAL A 157 6.58 -4.77 1.24
N TYR A 158 7.65 -5.37 0.74
CA TYR A 158 8.67 -5.97 1.58
C TYR A 158 9.76 -4.96 1.86
N LEU A 159 10.14 -4.86 3.12
CA LEU A 159 11.35 -4.14 3.50
C LEU A 159 12.47 -5.13 3.72
N LYS A 160 13.69 -4.72 3.34
CA LYS A 160 14.86 -5.58 3.39
C LYS A 160 16.03 -4.85 4.01
N LEU A 161 16.67 -5.48 4.98
CA LEU A 161 17.81 -4.93 5.67
C LEU A 161 18.96 -5.93 5.69
N PRO A 162 20.19 -5.44 5.67
CA PRO A 162 21.34 -6.33 5.81
C PRO A 162 21.62 -6.60 7.28
N ILE A 163 21.93 -7.85 7.57
CA ILE A 163 22.57 -8.21 8.83
C ILE A 163 23.83 -9.01 8.50
N THR A 164 24.52 -9.44 9.56
CA THR A 164 25.79 -10.14 9.37
C THR A 164 25.57 -11.44 8.60
N GLY A 165 26.13 -11.50 7.41
CA GLY A 165 26.10 -12.67 6.57
C GLY A 165 25.00 -12.69 5.52
N THR A 166 23.99 -11.82 5.63
CA THR A 166 22.79 -12.02 4.83
C THR A 166 21.91 -10.77 4.86
N GLU A 167 20.78 -10.87 4.19
CA GLU A 167 19.74 -9.86 4.21
C GLU A 167 18.46 -10.51 4.70
N ILE A 168 17.70 -9.75 5.49
CA ILE A 168 16.43 -10.23 6.02
C ILE A 168 15.28 -9.34 5.51
N VAL A 169 14.11 -9.95 5.38
CA VAL A 169 12.97 -9.33 4.71
C VAL A 169 11.71 -9.60 5.52
N LYS A 170 10.82 -8.59 5.61
CA LYS A 170 9.47 -8.77 6.14
C LYS A 170 8.52 -7.83 5.39
N PRO A 171 7.25 -8.20 5.26
CA PRO A 171 6.25 -7.30 4.64
C PRO A 171 5.60 -6.33 5.61
N TYR A 172 5.31 -5.14 5.10
CA TYR A 172 4.60 -4.10 5.83
C TYR A 172 3.65 -3.38 4.89
N THR A 173 2.56 -2.89 5.46
CA THR A 173 1.45 -2.34 4.70
C THR A 173 1.44 -0.82 4.77
N PRO A 174 1.82 -0.11 3.71
CA PRO A 174 1.85 1.36 3.80
C PRO A 174 0.51 1.94 4.24
N VAL A 175 0.61 3.04 4.97
CA VAL A 175 -0.53 3.74 5.52
C VAL A 175 -0.45 5.19 5.05
N SER A 176 -1.55 5.90 5.25
CA SER A 176 -1.54 7.34 5.11
C SER A 176 -0.74 7.97 6.26
N GLY A 177 -0.25 9.19 6.05
CA GLY A 177 0.49 9.88 7.09
C GLY A 177 -0.39 10.28 8.26
N SER A 178 -1.67 10.47 8.02
CA SER A 178 -2.61 10.79 9.07
C SER A 178 -3.99 10.37 8.59
N LEU A 179 -4.91 10.23 9.56
CA LEU A 179 -6.34 10.16 9.27
C LEU A 179 -7.01 11.53 9.27
N LEU A 180 -6.35 12.58 9.71
CA LEU A 180 -6.97 13.88 9.89
C LEU A 180 -6.60 14.80 8.74
N SER A 181 -7.59 15.45 8.15
CA SER A 181 -7.37 16.26 6.97
C SER A 181 -6.28 17.31 7.17
N GLU A 182 -6.13 17.88 8.39
CA GLU A 182 -5.14 18.92 8.59
C GLU A 182 -3.70 18.41 8.45
N PHE A 183 -3.49 17.11 8.64
CA PHE A 183 -2.17 16.54 8.54
C PHE A 183 -2.03 15.61 7.34
N LYS A 184 -3.13 15.25 6.68
CA LYS A 184 -3.07 14.40 5.51
C LYS A 184 -2.32 15.08 4.38
N GLU A 185 -1.66 14.28 3.56
CA GLU A 185 -1.09 14.77 2.32
C GLU A 185 -2.21 15.06 1.33
N PRO A 186 -2.02 16.01 0.41
CA PRO A 186 -2.97 16.15 -0.69
C PRO A 186 -2.78 15.01 -1.67
N VAL A 187 -3.67 14.95 -2.65
CA VAL A 187 -3.51 14.00 -3.74
C VAL A 187 -2.47 14.58 -4.70
N LEU A 188 -1.36 13.85 -4.87
CA LEU A 188 -0.20 14.36 -5.59
C LEU A 188 0.00 13.63 -6.91
N PRO A 189 0.47 14.31 -7.96
CA PRO A 189 0.76 13.58 -9.20
C PRO A 189 1.67 12.38 -8.98
N ASN A 190 2.69 12.51 -8.14
CA ASN A 190 3.56 11.39 -7.78
C ASN A 190 4.12 11.62 -6.38
N ASN A 191 3.71 10.78 -5.44
CA ASN A 191 4.12 10.91 -4.05
C ASN A 191 5.46 10.20 -3.85
N LYS A 192 6.44 10.92 -3.32
CA LYS A 192 7.74 10.34 -3.00
C LYS A 192 7.82 9.70 -1.61
N TYR A 193 6.80 9.87 -0.78
CA TYR A 193 6.90 9.45 0.62
C TYR A 193 5.97 8.27 0.86
N ILE A 194 6.46 7.33 1.67
CA ILE A 194 5.70 6.14 2.05
C ILE A 194 5.74 6.05 3.57
N TYR A 195 4.57 5.87 4.18
CA TYR A 195 4.45 5.79 5.64
C TYR A 195 4.10 4.38 6.06
N PHE A 196 4.60 3.98 7.23
CA PHE A 196 4.32 2.69 7.84
C PHE A 196 4.09 2.85 9.33
N LEU A 197 3.14 2.10 9.86
CA LEU A 197 2.98 1.88 11.30
C LEU A 197 3.53 0.51 11.59
N ILE A 198 4.60 0.44 12.39
CA ILE A 198 5.31 -0.81 12.58
C ILE A 198 5.55 -1.00 14.08
N LYS A 199 5.12 -2.13 14.58
CA LYS A 199 5.28 -2.51 15.98
C LYS A 199 6.63 -3.20 16.12
N ILE A 200 7.39 -2.78 17.12
CA ILE A 200 8.72 -3.33 17.39
C ILE A 200 8.61 -4.41 18.46
N TYR A 201 9.03 -5.63 18.13
CA TYR A 201 9.04 -6.74 19.05
C TYR A 201 10.45 -6.94 19.59
N PRO A 202 10.68 -6.77 20.89
CA PRO A 202 12.06 -6.89 21.39
C PRO A 202 12.71 -8.23 21.06
N THR A 203 11.93 -9.30 20.94
CA THR A 203 12.48 -10.61 20.62
C THR A 203 12.42 -10.94 19.15
N GLY A 204 12.05 -9.98 18.29
CA GLY A 204 11.92 -10.26 16.87
C GLY A 204 13.27 -10.23 16.20
N LEU A 205 13.28 -10.67 14.93
CA LEU A 205 14.49 -10.57 14.12
C LEU A 205 14.58 -9.24 13.37
N PHE A 206 13.54 -8.89 12.62
CA PHE A 206 13.59 -7.74 11.72
C PHE A 206 13.33 -6.42 12.45
N THR A 207 12.29 -6.35 13.29
CA THR A 207 11.92 -5.01 13.76
C THR A 207 12.95 -4.37 14.70
N PRO A 208 13.68 -5.12 15.54
CA PRO A 208 14.77 -4.47 16.28
C PRO A 208 15.84 -3.86 15.39
N GLU A 209 16.16 -4.51 14.27
CA GLU A 209 17.11 -3.94 13.32
C GLU A 209 16.53 -2.70 12.63
N LEU A 210 15.26 -2.74 12.25
CA LEU A 210 14.60 -1.56 11.69
C LEU A 210 14.61 -0.41 12.68
N ASP A 211 14.40 -0.70 13.96
CA ASP A 211 14.34 0.31 15.01
C ASP A 211 15.72 0.91 15.34
N ARG A 212 16.81 0.25 14.91
CA ARG A 212 18.19 0.75 15.05
C ARG A 212 18.62 1.65 13.91
N LEU A 213 17.88 1.67 12.82
CA LEU A 213 18.26 2.46 11.68
C LEU A 213 18.21 3.94 12.04
N GLN A 214 19.24 4.67 11.63
CA GLN A 214 19.32 6.09 11.88
C GLN A 214 18.61 6.86 10.79
N ILE A 215 18.09 8.02 11.16
CA ILE A 215 17.54 8.92 10.16
C ILE A 215 18.59 9.21 9.10
N GLY A 216 18.19 9.06 7.85
CA GLY A 216 19.07 9.28 6.71
C GLY A 216 19.71 8.02 6.18
N ASP A 217 19.62 6.91 6.90
CA ASP A 217 20.05 5.64 6.33
C ASP A 217 18.99 5.10 5.37
N PHE A 218 19.29 3.95 4.76
CA PHE A 218 18.52 3.46 3.64
C PHE A 218 17.98 2.06 3.95
N VAL A 219 16.79 1.80 3.42
CA VAL A 219 16.12 0.52 3.54
C VAL A 219 15.69 0.13 2.14
N SER A 220 15.84 -1.14 1.77
CA SER A 220 15.39 -1.61 0.45
C SER A 220 13.91 -1.92 0.52
N VAL A 221 13.17 -1.42 -0.47
CA VAL A 221 11.72 -1.53 -0.54
C VAL A 221 11.35 -2.23 -1.84
N SER A 222 10.49 -3.25 -1.75
CA SER A 222 10.08 -4.02 -2.90
C SER A 222 8.90 -3.33 -3.61
N SER A 223 8.59 -3.81 -4.81
CA SER A 223 7.38 -3.36 -5.47
C SER A 223 6.18 -3.95 -4.72
N PRO A 224 4.99 -3.38 -4.93
CA PRO A 224 3.83 -3.81 -4.13
C PRO A 224 3.36 -5.21 -4.47
N GLU A 225 2.62 -5.79 -3.52
CA GLU A 225 2.04 -7.12 -3.64
C GLU A 225 0.69 -7.12 -2.93
N GLY A 226 -0.23 -7.95 -3.41
CA GLY A 226 -1.54 -8.06 -2.78
C GLY A 226 -2.69 -8.04 -3.76
N ASN A 227 -3.72 -8.80 -3.44
CA ASN A 227 -4.84 -9.02 -4.34
C ASN A 227 -6.02 -8.09 -4.08
N PHE A 228 -5.98 -7.28 -3.03
CA PHE A 228 -7.11 -6.39 -2.82
C PHE A 228 -7.33 -5.55 -4.08
N LYS A 229 -8.58 -5.46 -4.50
CA LYS A 229 -8.96 -4.68 -5.67
C LYS A 229 -9.93 -3.60 -5.23
N ILE A 230 -9.59 -2.36 -5.57
CA ILE A 230 -10.35 -1.20 -5.15
C ILE A 230 -11.79 -1.22 -5.68
N SER A 231 -12.05 -2.00 -6.73
CA SER A 231 -13.40 -2.15 -7.26
C SER A 231 -14.39 -2.72 -6.24
N LYS A 232 -13.90 -3.44 -5.22
CA LYS A 232 -14.74 -3.94 -4.13
C LYS A 232 -15.49 -2.79 -3.46
N PHE A 233 -15.04 -1.56 -3.72
CA PHE A 233 -15.65 -0.36 -3.17
C PHE A 233 -16.73 0.26 -4.05
N GLN A 234 -16.86 -0.15 -5.32
CA GLN A 234 -17.89 0.39 -6.21
C GLN A 234 -19.28 0.27 -5.59
N GLU A 235 -19.96 1.40 -5.44
CA GLU A 235 -21.34 1.50 -4.99
C GLU A 235 -21.52 1.06 -3.55
N LEU A 236 -20.45 0.95 -2.79
CA LEU A 236 -20.58 0.43 -1.44
C LEU A 236 -21.43 1.38 -0.60
N GLU A 237 -22.23 0.81 0.29
CA GLU A 237 -23.02 1.61 1.22
C GLU A 237 -22.63 1.43 2.67
N ASP A 238 -22.29 0.22 3.09
CA ASP A 238 -21.93 -0.04 4.48
C ASP A 238 -20.62 -0.82 4.47
N LEU A 239 -19.64 -0.31 5.20
CA LEU A 239 -18.31 -0.89 5.28
C LEU A 239 -18.03 -1.23 6.73
N PHE A 240 -17.63 -2.47 6.98
CA PHE A 240 -17.23 -2.87 8.32
C PHE A 240 -15.76 -3.25 8.32
N LEU A 241 -15.06 -2.81 9.35
CA LEU A 241 -13.63 -3.04 9.51
C LEU A 241 -13.38 -3.72 10.84
N LEU A 242 -12.69 -4.87 10.79
CA LEU A 242 -12.33 -5.65 11.97
C LEU A 242 -10.81 -5.77 12.02
N ALA A 243 -10.20 -5.16 13.03
CA ALA A 243 -8.75 -5.11 13.12
C ALA A 243 -8.27 -5.45 14.52
N ALA A 244 -7.20 -6.25 14.59
CA ALA A 244 -6.51 -6.55 15.83
C ALA A 244 -5.06 -6.09 15.70
N GLY A 245 -4.65 -5.20 16.60
CA GLY A 245 -3.25 -4.87 16.70
C GLY A 245 -2.81 -4.15 15.44
N THR A 246 -1.65 -4.52 14.92
CA THR A 246 -1.19 -3.91 13.68
C THR A 246 -2.01 -4.33 12.48
N GLY A 247 -3.02 -5.20 12.64
CA GLY A 247 -4.00 -5.40 11.57
C GLY A 247 -4.78 -4.16 11.24
N PHE A 248 -4.63 -3.11 12.05
CA PHE A 248 -5.11 -1.78 11.69
C PHE A 248 -4.49 -1.25 10.38
N THR A 249 -3.25 -1.61 10.06
CA THR A 249 -2.58 -0.84 9.00
C THR A 249 -3.28 -0.86 7.63
N PRO A 250 -3.73 -1.99 7.06
CA PRO A 250 -4.50 -1.88 5.78
C PRO A 250 -5.74 -1.05 5.90
N MET A 251 -6.31 -0.97 7.10
CA MET A 251 -7.51 -0.19 7.32
C MET A 251 -7.27 1.31 7.18
N VAL A 252 -6.05 1.79 7.30
CA VAL A 252 -5.86 3.24 7.32
C VAL A 252 -6.25 3.84 5.96
N LYS A 253 -5.62 3.36 4.87
CA LYS A 253 -5.97 3.88 3.55
C LYS A 253 -7.43 3.54 3.18
N ILE A 254 -7.92 2.37 3.59
CA ILE A 254 -9.31 2.00 3.31
C ILE A 254 -10.26 2.98 3.96
N LEU A 255 -9.96 3.35 5.19
CA LEU A 255 -10.78 4.30 5.93
C LEU A 255 -10.78 5.68 5.27
N ASN A 256 -9.60 6.18 4.88
CA ASN A 256 -9.55 7.46 4.17
C ASN A 256 -10.35 7.39 2.87
N TYR A 257 -10.18 6.32 2.10
CA TYR A 257 -10.92 6.19 0.85
C TYR A 257 -12.43 6.16 1.10
N ALA A 258 -12.83 5.41 2.12
CA ALA A 258 -14.25 5.27 2.45
C ALA A 258 -14.91 6.61 2.72
N LEU A 259 -14.20 7.50 3.37
CA LEU A 259 -14.78 8.77 3.73
C LEU A 259 -14.62 9.84 2.66
N THR A 260 -13.82 9.59 1.64
CA THR A 260 -13.60 10.60 0.62
C THR A 260 -14.07 10.18 -0.77
N ASP A 261 -13.95 8.91 -1.15
CA ASP A 261 -14.12 8.50 -2.54
C ASP A 261 -15.31 7.56 -2.77
N ILE A 262 -16.26 7.47 -1.84
CA ILE A 262 -17.43 6.63 -2.05
C ILE A 262 -18.68 7.47 -1.76
N PRO A 263 -19.25 8.12 -2.78
CA PRO A 263 -20.40 8.98 -2.53
C PRO A 263 -21.61 8.24 -2.01
N SER A 264 -21.73 6.94 -2.28
CA SER A 264 -22.86 6.14 -1.81
C SER A 264 -22.66 5.60 -0.41
N LEU A 265 -21.54 5.89 0.22
CA LEU A 265 -21.28 5.35 1.55
C LEU A 265 -22.21 5.97 2.58
N ARG A 266 -22.94 5.12 3.31
CA ARG A 266 -23.75 5.54 4.43
C ARG A 266 -22.98 5.41 5.75
N LYS A 267 -22.34 4.28 5.99
CA LYS A 267 -21.67 4.06 7.28
C LYS A 267 -20.40 3.26 7.09
N VAL A 268 -19.42 3.60 7.91
CA VAL A 268 -18.17 2.83 8.10
C VAL A 268 -18.09 2.55 9.59
N LYS A 269 -17.84 1.33 9.97
CA LYS A 269 -17.69 0.99 11.37
C LYS A 269 -16.38 0.25 11.54
N LEU A 270 -15.57 0.70 12.49
CA LEU A 270 -14.34 0.02 12.88
C LEU A 270 -14.51 -0.59 14.27
N MET A 271 -14.18 -1.88 14.40
CA MET A 271 -14.04 -2.53 15.70
C MET A 271 -12.59 -2.98 15.81
N PHE A 272 -11.87 -2.35 16.71
CA PHE A 272 -10.41 -2.41 16.81
C PHE A 272 -10.09 -3.12 18.12
N PHE A 273 -9.48 -4.30 18.01
CA PHE A 273 -9.13 -5.14 19.16
C PHE A 273 -7.67 -4.94 19.54
N ASN A 274 -7.40 -4.78 20.83
CA ASN A 274 -6.04 -4.63 21.34
C ASN A 274 -5.97 -5.25 22.74
N LYS A 275 -4.76 -5.25 23.30
CA LYS A 275 -4.54 -5.78 24.64
C LYS A 275 -4.89 -4.76 25.71
N THR A 276 -4.26 -3.60 25.66
CA THR A 276 -4.38 -2.56 26.68
C THR A 276 -4.67 -1.22 26.02
N GLU A 277 -5.16 -0.28 26.84
CA GLU A 277 -5.38 1.09 26.38
C GLU A 277 -4.16 1.67 25.69
N ASP A 278 -2.97 1.31 26.13
CA ASP A 278 -1.76 1.91 25.58
C ASP A 278 -1.40 1.34 24.21
N ASP A 279 -2.10 0.31 23.75
CA ASP A 279 -1.86 -0.30 22.45
C ASP A 279 -2.83 0.18 21.38
N ILE A 280 -3.76 1.05 21.71
CA ILE A 280 -4.70 1.53 20.70
C ILE A 280 -4.00 2.50 19.77
N ILE A 281 -3.46 1.98 18.66
CA ILE A 281 -2.79 2.84 17.69
C ILE A 281 -3.73 3.93 17.25
N TRP A 282 -3.26 5.17 17.34
CA TRP A 282 -3.97 6.33 16.82
C TRP A 282 -5.34 6.51 17.46
N ARG A 283 -5.42 6.23 18.77
CA ARG A 283 -6.73 6.32 19.42
C ARG A 283 -7.31 7.70 19.27
N SER A 284 -6.51 8.70 19.57
CA SER A 284 -6.99 10.07 19.61
C SER A 284 -7.42 10.53 18.23
N GLN A 285 -6.69 10.10 17.19
CA GLN A 285 -7.00 10.48 15.82
C GLN A 285 -8.31 9.83 15.38
N LEU A 286 -8.54 8.58 15.79
CA LEU A 286 -9.77 7.87 15.44
C LEU A 286 -10.98 8.47 16.16
N GLU A 287 -10.79 8.88 17.42
CA GLU A 287 -11.87 9.46 18.20
C GLU A 287 -12.30 10.80 17.61
N LYS A 288 -11.35 11.63 17.18
CA LYS A 288 -11.70 12.91 16.58
C LYS A 288 -12.33 12.72 15.21
N LEU A 289 -11.75 11.84 14.38
CA LEU A 289 -12.35 11.52 13.09
C LEU A 289 -13.79 11.06 13.28
N ALA A 290 -14.01 10.09 14.16
CA ALA A 290 -15.37 9.57 14.32
C ALA A 290 -16.31 10.64 14.85
N PHE A 291 -15.83 11.51 15.74
CA PHE A 291 -16.73 12.48 16.35
C PHE A 291 -17.19 13.53 15.34
N LYS A 292 -16.33 13.90 14.40
CA LYS A 292 -16.62 14.95 13.44
C LYS A 292 -17.16 14.42 12.11
N ASP A 293 -17.56 13.15 12.03
CA ASP A 293 -18.14 12.57 10.82
C ASP A 293 -19.08 11.46 11.28
N LYS A 294 -20.37 11.72 11.23
CA LYS A 294 -21.36 10.75 11.70
C LYS A 294 -21.36 9.47 10.87
N ARG A 295 -20.72 9.44 9.71
CA ARG A 295 -20.66 8.20 8.95
C ARG A 295 -19.75 7.17 9.61
N LEU A 296 -18.81 7.60 10.46
CA LEU A 296 -17.84 6.68 11.04
C LEU A 296 -18.21 6.38 12.48
N ASP A 297 -18.29 5.09 12.82
CA ASP A 297 -18.30 4.62 14.20
C ASP A 297 -17.03 3.83 14.47
N VAL A 298 -16.43 4.07 15.64
CA VAL A 298 -15.27 3.31 16.13
C VAL A 298 -15.58 2.74 17.50
N GLU A 299 -15.33 1.44 17.68
CA GLU A 299 -15.43 0.77 18.97
C GLU A 299 -14.13 0.07 19.29
N PHE A 300 -13.59 0.34 20.48
CA PHE A 300 -12.36 -0.29 20.97
C PHE A 300 -12.69 -1.46 21.90
N VAL A 301 -12.12 -2.63 21.62
CA VAL A 301 -12.24 -3.82 22.45
C VAL A 301 -10.85 -4.13 23.02
N LEU A 302 -10.78 -4.31 24.34
CA LEU A 302 -9.53 -4.63 25.02
C LEU A 302 -9.59 -6.02 25.63
N SER A 303 -8.59 -6.83 25.32
CA SER A 303 -8.52 -8.18 25.85
C SER A 303 -7.97 -8.24 27.27
N ALA A 304 -7.20 -7.24 27.66
CA ALA A 304 -6.49 -7.34 28.93
C ALA A 304 -6.27 -5.96 29.52
N PRO A 305 -7.32 -5.17 29.70
CA PRO A 305 -7.12 -3.82 30.23
C PRO A 305 -6.38 -3.84 31.56
N ILE A 306 -5.61 -2.78 31.78
CA ILE A 306 -4.81 -2.61 32.99
C ILE A 306 -5.32 -1.46 33.86
N SER A 307 -6.22 -0.62 33.33
CA SER A 307 -6.85 0.45 34.08
C SER A 307 -8.36 0.29 34.02
N GLU A 308 -9.07 1.12 34.80
CA GLU A 308 -10.52 1.16 34.69
C GLU A 308 -10.91 1.35 33.23
N TRP A 309 -11.82 0.49 32.75
CA TRP A 309 -12.20 0.49 31.34
C TRP A 309 -13.71 0.27 31.25
N ASN A 310 -14.44 1.29 30.79
CA ASN A 310 -15.89 1.15 30.64
C ASN A 310 -16.28 0.47 29.34
N GLY A 311 -15.36 0.27 28.41
CA GLY A 311 -15.69 -0.18 27.07
C GLY A 311 -15.75 -1.70 26.99
N LYS A 312 -15.94 -2.19 25.78
CA LYS A 312 -16.03 -3.63 25.57
C LYS A 312 -14.69 -4.31 25.88
N GLN A 313 -14.79 -5.58 26.26
CA GLN A 313 -13.64 -6.38 26.60
C GLN A 313 -13.76 -7.75 25.95
N GLY A 314 -12.62 -8.38 25.71
CA GLY A 314 -12.61 -9.74 25.21
C GLY A 314 -11.90 -9.92 23.88
N HIS A 315 -12.26 -10.99 23.20
CA HIS A 315 -11.73 -11.33 21.89
C HIS A 315 -12.90 -11.43 20.92
N ILE A 316 -12.56 -11.45 19.64
CA ILE A 316 -13.57 -11.63 18.60
C ILE A 316 -14.39 -12.88 18.92
N SER A 317 -15.70 -12.74 18.92
CA SER A 317 -16.58 -13.83 19.33
C SER A 317 -17.85 -13.85 18.48
N PRO A 318 -18.55 -14.98 18.45
CA PRO A 318 -19.92 -14.96 17.88
C PRO A 318 -20.80 -13.90 18.51
N ALA A 319 -20.68 -13.68 19.81
CA ALA A 319 -21.51 -12.66 20.46
C ALA A 319 -21.22 -11.27 19.89
N LEU A 320 -19.94 -10.88 19.88
CA LEU A 320 -19.59 -9.49 19.57
C LEU A 320 -19.97 -9.11 18.16
N LEU A 321 -19.78 -10.00 17.20
CA LEU A 321 -20.09 -9.68 15.80
C LEU A 321 -21.59 -9.67 15.53
N SER A 322 -22.38 -10.36 16.35
CA SER A 322 -23.84 -10.29 16.21
C SER A 322 -24.31 -8.86 16.35
N GLU A 323 -23.88 -8.18 17.42
CA GLU A 323 -24.32 -6.80 17.65
C GLU A 323 -23.70 -5.83 16.64
N PHE A 324 -22.40 -6.00 16.37
CA PHE A 324 -21.69 -5.04 15.53
C PHE A 324 -22.20 -5.09 14.09
N LEU A 325 -22.35 -6.29 13.54
CA LEU A 325 -22.85 -6.51 12.19
C LEU A 325 -24.36 -6.76 12.14
N LYS A 326 -25.12 -6.23 13.09
CA LYS A 326 -26.56 -6.49 13.14
C LYS A 326 -27.23 -5.99 11.87
N ARG A 327 -28.07 -6.84 11.26
CA ARG A 327 -28.71 -6.51 9.99
C ARG A 327 -29.70 -5.37 10.15
N ASN A 328 -29.58 -4.36 9.30
CA ASN A 328 -30.61 -3.35 9.23
C ASN A 328 -31.82 -3.91 8.48
N LEU A 329 -32.90 -3.12 8.47
CA LEU A 329 -34.14 -3.56 7.83
C LEU A 329 -34.05 -3.49 6.31
N ASP A 330 -33.20 -2.60 5.78
CA ASP A 330 -33.07 -2.38 4.34
C ASP A 330 -31.81 -3.04 3.82
N LYS A 331 -31.91 -3.61 2.61
CA LYS A 331 -30.80 -4.28 1.97
C LYS A 331 -29.81 -3.24 1.46
N SER A 332 -28.52 -3.49 1.66
CA SER A 332 -27.47 -2.58 1.21
C SER A 332 -26.27 -3.38 0.73
N LYS A 333 -25.44 -2.73 -0.06
CA LYS A 333 -24.20 -3.34 -0.51
C LYS A 333 -23.16 -3.24 0.62
N VAL A 334 -22.59 -4.38 1.00
CA VAL A 334 -21.81 -4.47 2.22
C VAL A 334 -20.45 -5.07 1.93
N LEU A 335 -19.46 -4.66 2.74
CA LEU A 335 -18.13 -5.24 2.70
C LEU A 335 -17.60 -5.29 4.11
N VAL A 336 -17.02 -6.43 4.47
CA VAL A 336 -16.34 -6.63 5.74
C VAL A 336 -14.87 -6.94 5.44
N CYS A 337 -13.98 -6.07 5.91
CA CYS A 337 -12.54 -6.32 5.84
C CYS A 337 -12.03 -6.72 7.22
N ILE A 338 -11.14 -7.71 7.27
CA ILE A 338 -10.63 -8.22 8.53
C ILE A 338 -9.13 -8.44 8.41
N CYS A 339 -8.39 -8.03 9.44
CA CYS A 339 -6.96 -8.25 9.45
C CYS A 339 -6.49 -8.35 10.89
N GLY A 340 -5.51 -9.21 11.12
CA GLY A 340 -4.98 -9.38 12.44
C GLY A 340 -4.07 -10.59 12.49
N PRO A 341 -3.75 -11.08 13.69
CA PRO A 341 -3.10 -12.39 13.79
C PRO A 341 -3.88 -13.46 13.01
N VAL A 342 -3.14 -14.39 12.42
CA VAL A 342 -3.75 -15.39 11.53
C VAL A 342 -4.94 -16.09 12.17
N PRO A 343 -4.85 -16.64 13.38
CA PRO A 343 -6.03 -17.29 13.96
C PRO A 343 -7.18 -16.32 14.20
N PHE A 344 -6.89 -15.09 14.59
CA PHE A 344 -7.92 -14.07 14.73
C PHE A 344 -8.67 -13.89 13.42
N THR A 345 -7.95 -13.90 12.30
CA THR A 345 -8.61 -13.71 11.01
C THR A 345 -9.34 -14.96 10.56
N GLU A 346 -8.75 -16.13 10.79
CA GLU A 346 -9.41 -17.38 10.42
C GLU A 346 -10.69 -17.58 11.20
N GLN A 347 -10.63 -17.36 12.52
CA GLN A 347 -11.84 -17.40 13.34
C GLN A 347 -12.84 -16.39 12.84
N GLY A 348 -12.39 -15.16 12.62
CA GLY A 348 -13.29 -14.10 12.17
C GLY A 348 -14.03 -14.45 10.90
N VAL A 349 -13.32 -14.99 9.91
CA VAL A 349 -13.96 -15.32 8.64
C VAL A 349 -14.92 -16.49 8.81
N ARG A 350 -14.52 -17.51 9.57
CA ARG A 350 -15.45 -18.57 9.92
C ARG A 350 -16.72 -18.00 10.55
N LEU A 351 -16.57 -16.99 11.42
CA LEU A 351 -17.74 -16.41 12.09
C LEU A 351 -18.58 -15.56 11.15
N LEU A 352 -17.97 -14.99 10.11
CA LEU A 352 -18.74 -14.19 9.14
C LEU A 352 -19.55 -15.08 8.22
N HIS A 353 -19.01 -16.24 7.83
CA HIS A 353 -19.78 -17.19 7.05
C HIS A 353 -20.99 -17.68 7.86
N ASP A 354 -20.77 -17.98 9.15
CA ASP A 354 -21.88 -18.35 10.02
C ASP A 354 -22.94 -17.26 10.09
N LEU A 355 -22.54 -16.00 9.90
CA LEU A 355 -23.50 -14.92 9.93
C LEU A 355 -24.10 -14.62 8.57
N ASN A 356 -23.79 -15.45 7.57
CA ASN A 356 -24.41 -15.39 6.24
C ASN A 356 -23.86 -14.26 5.37
N PHE A 357 -22.58 -13.90 5.58
CA PHE A 357 -21.85 -13.05 4.64
C PHE A 357 -21.17 -13.92 3.60
N SER A 358 -21.26 -13.50 2.35
CA SER A 358 -20.64 -14.22 1.25
C SER A 358 -19.14 -13.94 1.14
N LYS A 359 -18.45 -14.81 0.41
CA LYS A 359 -17.08 -14.56 -0.01
C LYS A 359 -16.92 -13.18 -0.63
N ASN A 360 -17.83 -12.81 -1.52
CA ASN A 360 -17.80 -11.50 -2.17
C ASN A 360 -17.98 -10.34 -1.21
N GLU A 361 -18.53 -10.59 -0.02
CA GLU A 361 -18.74 -9.54 0.98
C GLU A 361 -17.67 -9.54 2.07
N ILE A 362 -16.64 -10.36 1.93
CA ILE A 362 -15.56 -10.49 2.90
C ILE A 362 -14.24 -10.27 2.18
N HIS A 363 -13.35 -9.45 2.76
CA HIS A 363 -11.94 -9.47 2.39
C HIS A 363 -11.09 -9.64 3.64
N SER A 364 -10.25 -10.67 3.65
CA SER A 364 -9.35 -10.93 4.76
C SER A 364 -7.93 -10.64 4.27
N PHE A 365 -7.26 -9.73 4.95
CA PHE A 365 -5.87 -9.39 4.62
C PHE A 365 -4.95 -10.37 5.31
N THR A 366 -4.19 -11.12 4.52
CA THR A 366 -3.26 -12.15 5.00
C THR A 366 -2.01 -12.09 4.12
N ALA A 367 -1.11 -13.05 4.31
CA ALA A 367 0.14 -13.05 3.56
C ALA A 367 -0.12 -13.31 2.07
#